data_3FVC
#
_entry.id   3FVC
#
_cell.length_a   106.800
_cell.length_b   106.800
_cell.length_c   210.750
_cell.angle_alpha   90.00
_cell.angle_beta   90.00
_cell.angle_gamma   120.00
#
_symmetry.space_group_name_H-M   'P 3 2 1'
#
loop_
_entity.id
_entity.type
_entity.pdbx_description
1 polymer 'Glycoprotein GP110'
2 non-polymer 2-acetamido-2-deoxy-beta-D-glucopyranose
3 water water
#
_entity_poly.entity_id   1
_entity_poly.type   'polypeptide(L)'
_entity_poly.pdbx_seq_one_letter_code
;QTPEQPAPPATTVQPTATRQQTSFPFRVCELSSHGDLFRFSSDIQCPSFGTRENHTEGLLMVFKDNIIPYSFKVRSYTKI
VTNILIYNGHRADSVTNRHEEKFSVDSYETDQMDTIYQCYNAVKMTKDGLTRVYVDRDGVNITVNLKPTGGLANGVRRYA
SQTELYDAPGRVEATYRTRTTVNCLITDMMAKSNSPFDFFVTTTGQTVEMSPFYDGKNKETFHERADSFHVRTNYKIVDY
DNRGTNPQGERRAFLDKGTYTLSWKLENRTAYCPLQHWQTFDSTIATETGKSIHFVTDEGTSSFVTNTTVGIELPDAFKC
IEEQVNKTMHEKYEAVQDRYTKGQEAITYFITSGGLLLAWLPLTPRSLATVKNLTELTTPTSSPPSSPSPPAPSAARGST
PAAVLRRRRRDAGNATTPVPPTAPGKSLGTLNNPATVQIQFAYDSLRRQINRMLGDLARAWCLEQKRQNMVLRELTKINP
TTVMSSIYGKAVAAKRLGDVISVSQCVPVNQATVTLRKSMRVPGSETMCYSRPLVSFSFINDTKTYEGQLGTDNEIFLTK
KMTEVCQATSQYYFQSGNEIHVYNDYHHFKTIELDGIATLQTFISLNTSLIENIDFASLELYSRDEQRASNVFDLEGIFR
EYNFQAQNIAGLRKDLDNAVSNG
;
_entity_poly.pdbx_strand_id   A
#
loop_
_chem_comp.id
_chem_comp.type
_chem_comp.name
_chem_comp.formula
NAG D-saccharide, beta linking 2-acetamido-2-deoxy-beta-D-glucopyranose 'C8 H15 N O6'
#
# COMPACT_ATOMS: atom_id res chain seq x y z
N GLN A 20 -18.74 31.48 -32.75
CA GLN A 20 -17.91 30.72 -33.71
C GLN A 20 -18.02 31.21 -35.17
N GLN A 21 -19.19 31.06 -35.78
CA GLN A 21 -19.42 31.46 -37.17
C GLN A 21 -20.09 32.85 -37.28
N THR A 22 -19.77 33.62 -38.33
CA THR A 22 -20.14 35.04 -38.35
C THR A 22 -20.73 35.65 -39.64
N SER A 23 -21.97 36.13 -39.55
CA SER A 23 -22.68 36.70 -40.68
C SER A 23 -22.25 38.13 -40.99
N PHE A 24 -21.87 38.37 -42.24
CA PHE A 24 -21.60 39.72 -42.70
C PHE A 24 -22.76 40.15 -43.56
N PRO A 25 -23.78 40.80 -42.97
CA PRO A 25 -24.84 41.31 -43.84
C PRO A 25 -24.26 42.30 -44.84
N PHE A 26 -24.93 42.54 -45.96
CA PHE A 26 -24.54 43.62 -46.85
C PHE A 26 -24.54 44.91 -46.03
N ARG A 27 -23.38 45.31 -45.51
CA ARG A 27 -23.29 46.47 -44.62
C ARG A 27 -22.68 47.69 -45.30
N VAL A 28 -23.35 48.84 -45.18
CA VAL A 28 -22.85 50.09 -45.72
C VAL A 28 -21.99 50.81 -44.69
N CYS A 29 -20.72 51.03 -45.01
CA CYS A 29 -19.82 51.54 -43.99
C CYS A 29 -18.82 52.59 -44.45
N GLU A 30 -19.38 53.70 -44.91
CA GLU A 30 -18.62 54.92 -45.18
C GLU A 30 -18.79 55.84 -43.97
N LEU A 31 -18.75 55.26 -42.76
CA LEU A 31 -18.96 56.04 -41.52
C LEU A 31 -18.10 55.63 -40.31
N SER A 32 -17.09 56.46 -40.05
CA SER A 32 -16.40 56.49 -38.76
C SER A 32 -16.56 57.90 -38.16
N SER A 33 -17.18 57.96 -36.99
CA SER A 33 -17.16 59.17 -36.17
C SER A 33 -16.15 58.87 -35.08
N HIS A 34 -14.92 58.59 -35.51
CA HIS A 34 -13.84 58.19 -34.62
C HIS A 34 -14.50 57.41 -33.52
N GLY A 35 -15.12 56.31 -33.91
CA GLY A 35 -15.87 55.46 -32.99
C GLY A 35 -15.03 55.12 -31.78
N ASP A 36 -14.12 54.17 -31.94
CA ASP A 36 -13.24 53.76 -30.86
C ASP A 36 -11.88 53.38 -31.43
N LEU A 37 -10.86 53.41 -30.58
CA LEU A 37 -9.52 53.13 -31.06
C LEU A 37 -8.66 52.34 -30.07
N PHE A 38 -7.89 51.42 -30.62
CA PHE A 38 -7.02 50.59 -29.82
C PHE A 38 -5.63 50.56 -30.42
N ARG A 39 -4.65 50.29 -29.56
CA ARG A 39 -3.27 50.21 -29.96
C ARG A 39 -2.80 48.78 -29.95
N PHE A 40 -1.68 48.53 -30.62
CA PHE A 40 -1.06 47.22 -30.59
C PHE A 40 -0.03 47.15 -29.48
N SER A 41 -0.29 46.35 -28.45
CA SER A 41 0.67 46.21 -27.37
C SER A 41 2.03 46.09 -28.00
N SER A 42 2.91 47.06 -27.72
CA SER A 42 4.22 47.10 -28.37
C SER A 42 4.77 45.68 -28.42
N ASP A 43 4.43 44.87 -27.41
CA ASP A 43 4.78 43.44 -27.33
C ASP A 43 3.76 42.58 -26.59
N ILE A 44 3.80 41.27 -26.85
CA ILE A 44 2.99 40.30 -26.11
C ILE A 44 3.34 40.24 -24.62
N GLN A 45 2.34 39.98 -23.78
CA GLN A 45 2.56 39.78 -22.35
C GLN A 45 2.22 38.34 -21.95
N CYS A 46 3.22 37.47 -22.03
CA CYS A 46 3.02 36.03 -21.92
C CYS A 46 2.74 35.51 -20.49
N PRO A 47 1.47 35.16 -20.19
CA PRO A 47 1.15 34.55 -18.91
C PRO A 47 1.78 33.16 -18.77
N SER A 48 2.29 32.84 -17.58
CA SER A 48 2.93 31.55 -17.34
C SER A 48 2.08 30.71 -16.39
N PHE A 49 2.36 29.41 -16.31
CA PHE A 49 1.55 28.56 -15.48
C PHE A 49 2.34 27.43 -14.82
N GLU A 53 5.87 23.60 -7.70
CA GLU A 53 5.85 22.40 -6.85
C GLU A 53 7.26 22.23 -6.23
N ASN A 54 7.34 21.83 -4.96
CA ASN A 54 8.68 21.74 -4.31
C ASN A 54 9.09 20.40 -3.70
N HIS A 55 10.18 19.87 -4.25
CA HIS A 55 10.61 18.49 -4.03
C HIS A 55 11.93 18.40 -3.31
N THR A 56 11.96 17.73 -2.17
CA THR A 56 13.24 17.56 -1.50
C THR A 56 13.63 16.08 -1.45
N GLU A 57 14.79 15.76 -2.00
CA GLU A 57 15.41 14.46 -1.87
C GLU A 57 15.63 14.15 -0.40
N GLY A 58 15.59 12.86 -0.08
CA GLY A 58 15.82 12.37 1.28
C GLY A 58 15.93 10.85 1.35
N LEU A 59 15.95 10.33 2.57
CA LEU A 59 16.16 8.92 2.82
C LEU A 59 14.91 8.34 3.42
N LEU A 60 14.23 7.49 2.64
CA LEU A 60 12.99 6.89 3.11
C LEU A 60 13.24 5.51 3.62
N MET A 61 12.46 5.15 4.62
CA MET A 61 12.55 3.87 5.30
C MET A 61 11.20 3.52 5.98
N VAL A 62 10.52 2.52 5.43
CA VAL A 62 9.17 2.23 5.90
C VAL A 62 9.09 0.94 6.68
N PHE A 63 8.26 0.98 7.73
CA PHE A 63 8.02 -0.13 8.64
C PHE A 63 6.54 -0.55 8.60
N LYS A 64 6.24 -1.77 8.99
CA LYS A 64 4.84 -2.23 9.00
C LYS A 64 4.47 -2.84 10.35
N ASP A 65 3.20 -3.12 10.57
CA ASP A 65 2.79 -3.89 11.73
C ASP A 65 3.38 -5.25 11.60
N ASN A 66 3.92 -5.78 12.69
CA ASN A 66 4.56 -7.10 12.68
C ASN A 66 3.56 -8.20 13.08
N ILE A 67 3.51 -9.31 12.36
CA ILE A 67 2.46 -10.25 12.73
C ILE A 67 2.94 -11.62 13.15
N ILE A 68 4.23 -11.73 13.43
CA ILE A 68 4.75 -12.99 13.83
C ILE A 68 4.84 -13.02 15.33
N PRO A 69 4.15 -13.97 15.97
CA PRO A 69 3.96 -13.84 17.41
C PRO A 69 5.27 -14.03 18.07
N TYR A 70 5.44 -13.40 19.23
CA TYR A 70 6.67 -13.48 20.02
C TYR A 70 6.97 -14.91 20.44
N SER A 71 8.21 -15.33 20.22
CA SER A 71 8.51 -16.74 20.25
C SER A 71 9.76 -17.08 21.03
N PHE A 72 9.69 -18.01 21.97
CA PHE A 72 10.79 -18.19 22.92
C PHE A 72 10.93 -19.62 23.39
N LYS A 73 12.08 -20.00 23.93
CA LYS A 73 12.34 -21.40 24.33
C LYS A 73 11.82 -21.74 25.70
N VAL A 74 11.25 -22.91 25.81
CA VAL A 74 10.60 -23.29 27.03
C VAL A 74 11.06 -24.70 27.45
N ARG A 75 11.18 -24.94 28.75
CA ARG A 75 11.51 -26.29 29.19
C ARG A 75 10.42 -26.85 30.06
N SER A 76 10.06 -28.11 29.83
CA SER A 76 9.00 -28.71 30.64
C SER A 76 9.44 -30.04 31.21
N TYR A 77 8.78 -30.43 32.30
CA TYR A 77 9.30 -31.47 33.19
C TYR A 77 8.13 -32.13 33.83
N THR A 78 8.26 -33.41 34.14
CA THR A 78 7.09 -34.18 34.36
C THR A 78 7.48 -35.59 34.63
N LYS A 79 6.76 -36.25 35.54
CA LYS A 79 7.05 -37.65 35.82
C LYS A 79 5.87 -38.45 35.34
N ILE A 80 6.04 -39.49 34.52
CA ILE A 80 4.85 -40.19 34.09
C ILE A 80 4.70 -41.48 34.88
N VAL A 81 3.52 -41.73 35.46
CA VAL A 81 3.31 -42.98 36.21
C VAL A 81 2.37 -43.90 35.43
N THR A 82 2.81 -45.10 35.04
CA THR A 82 1.90 -46.06 34.36
C THR A 82 1.69 -47.31 35.18
N ASN A 83 0.46 -47.81 35.21
CA ASN A 83 0.23 -49.09 35.80
C ASN A 83 -0.33 -49.87 34.71
N ILE A 84 0.18 -51.09 34.54
CA ILE A 84 -0.41 -52.08 33.67
C ILE A 84 -1.03 -53.22 34.47
N LEU A 85 -2.26 -53.59 34.17
CA LEU A 85 -2.89 -54.80 34.72
C LEU A 85 -2.62 -55.99 33.80
N ILE A 86 -1.78 -56.90 34.27
CA ILE A 86 -1.33 -58.00 33.45
C ILE A 86 -1.82 -59.36 33.96
N TYR A 87 -2.56 -60.09 33.13
CA TYR A 87 -3.10 -61.40 33.53
C TYR A 87 -2.28 -62.62 33.12
N ASN A 88 -2.08 -63.54 34.05
CA ASN A 88 -1.29 -64.68 33.69
C ASN A 88 -2.15 -65.91 33.51
N GLY A 89 -2.60 -66.12 32.28
CA GLY A 89 -3.35 -67.30 31.88
C GLY A 89 -2.47 -68.54 31.73
N HIS A 90 -3.12 -69.66 31.41
CA HIS A 90 -2.48 -70.97 31.42
C HIS A 90 -1.82 -71.25 30.08
N ARG A 91 -2.33 -70.64 29.02
CA ARG A 91 -1.81 -70.88 27.66
C ARG A 91 -1.08 -69.64 27.11
N ALA A 92 -1.32 -68.48 27.72
CA ALA A 92 -0.83 -67.17 27.25
C ALA A 92 -1.15 -66.07 28.27
N ASP A 93 -0.63 -64.86 28.07
CA ASP A 93 -0.96 -63.79 28.99
C ASP A 93 -1.66 -62.69 28.26
N SER A 94 -2.51 -61.96 28.99
CA SER A 94 -3.34 -60.86 28.49
C SER A 94 -3.03 -59.66 29.32
N VAL A 95 -2.95 -58.50 28.67
CA VAL A 95 -2.78 -57.23 29.37
C VAL A 95 -4.13 -56.57 29.35
N THR A 96 -4.77 -56.47 30.49
CA THR A 96 -6.19 -56.10 30.47
C THR A 96 -6.43 -54.61 30.77
N ASN A 97 -5.52 -53.95 31.48
CA ASN A 97 -5.60 -52.52 31.54
C ASN A 97 -4.25 -51.81 31.59
N ARG A 98 -4.26 -50.54 31.18
CA ARG A 98 -3.08 -49.68 31.23
C ARG A 98 -3.55 -48.31 31.62
N HIS A 99 -2.86 -47.65 32.55
CA HIS A 99 -3.36 -46.41 33.11
C HIS A 99 -2.19 -45.55 33.47
N GLU A 100 -2.19 -44.36 32.87
CA GLU A 100 -1.04 -43.52 32.87
C GLU A 100 -1.43 -42.13 33.35
N GLU A 101 -0.73 -41.60 34.33
CA GLU A 101 -1.06 -40.34 34.94
C GLU A 101 0.23 -39.49 34.89
N LYS A 102 0.13 -38.19 34.66
CA LYS A 102 1.37 -37.38 34.64
C LYS A 102 1.46 -36.28 35.71
N PHE A 103 2.45 -36.36 36.58
CA PHE A 103 2.64 -35.39 37.68
C PHE A 103 3.68 -34.28 37.38
N SER A 104 3.57 -33.11 38.03
CA SER A 104 4.59 -32.02 38.03
C SER A 104 5.83 -32.43 38.77
N VAL A 105 6.81 -31.55 38.85
CA VAL A 105 8.09 -31.85 39.47
C VAL A 105 8.45 -30.70 40.38
N ASP A 106 8.79 -30.98 41.64
CA ASP A 106 9.11 -29.94 42.63
C ASP A 106 10.44 -29.34 42.35
N SER A 107 10.67 -28.15 42.90
CA SER A 107 11.93 -27.44 42.73
C SER A 107 13.17 -28.20 43.21
N TYR A 108 13.13 -28.81 44.38
CA TYR A 108 14.30 -29.50 44.83
C TYR A 108 14.77 -30.40 43.71
N GLU A 109 13.86 -30.98 42.94
CA GLU A 109 14.35 -31.84 41.86
C GLU A 109 14.29 -31.28 40.44
N THR A 110 13.54 -30.22 40.19
CA THR A 110 13.70 -29.57 38.91
C THR A 110 15.18 -29.26 38.82
N ASP A 111 15.85 -29.01 39.92
CA ASP A 111 17.16 -28.46 39.67
C ASP A 111 18.33 -29.43 39.68
N GLN A 112 18.12 -30.64 40.12
CA GLN A 112 19.01 -31.72 39.74
C GLN A 112 18.85 -32.00 38.23
N MET A 113 17.62 -32.03 37.76
CA MET A 113 17.40 -32.14 36.35
C MET A 113 18.18 -31.09 35.53
N ASP A 114 18.13 -29.81 35.91
CA ASP A 114 18.76 -28.79 35.08
C ASP A 114 20.29 -28.83 35.09
N THR A 115 20.92 -29.60 35.98
CA THR A 115 22.36 -29.45 36.15
C THR A 115 23.17 -30.75 36.04
N ILE A 116 22.60 -31.85 36.48
CA ILE A 116 23.27 -33.12 36.59
C ILE A 116 22.41 -34.11 35.77
N TYR A 117 21.15 -33.76 35.56
CA TYR A 117 20.33 -34.64 34.82
C TYR A 117 19.97 -35.93 35.54
N GLN A 118 19.93 -35.91 36.88
CA GLN A 118 19.35 -37.04 37.63
C GLN A 118 18.02 -36.67 38.33
N CYS A 119 17.12 -37.64 38.54
CA CYS A 119 15.89 -37.44 39.32
C CYS A 119 15.62 -38.72 40.13
N TYR A 120 14.43 -38.79 40.76
CA TYR A 120 13.99 -40.00 41.48
C TYR A 120 13.05 -40.88 40.72
N ASN A 121 13.07 -42.17 40.96
CA ASN A 121 12.14 -42.97 40.28
C ASN A 121 10.90 -43.04 41.14
N ALA A 122 10.70 -42.11 42.05
CA ALA A 122 9.45 -42.23 42.83
C ALA A 122 8.62 -40.96 42.80
N VAL A 123 7.40 -41.01 43.34
CA VAL A 123 6.41 -39.91 43.21
C VAL A 123 5.43 -39.91 44.37
N LYS A 124 5.29 -38.80 45.05
CA LYS A 124 4.50 -38.84 46.28
C LYS A 124 3.27 -37.92 46.28
N MET A 125 2.23 -38.24 47.01
CA MET A 125 1.29 -37.16 47.32
C MET A 125 0.36 -37.39 48.48
N THR A 126 -0.38 -36.35 48.83
CA THR A 126 -1.29 -36.50 49.92
C THR A 126 -2.67 -36.11 49.53
N LYS A 127 -3.60 -37.01 49.78
CA LYS A 127 -5.00 -36.76 49.50
C LYS A 127 -5.74 -37.00 50.79
N ASP A 128 -6.45 -35.97 51.24
CA ASP A 128 -7.15 -36.03 52.52
C ASP A 128 -6.21 -36.65 53.55
N GLY A 129 -5.04 -36.06 53.67
CA GLY A 129 -4.18 -36.35 54.78
C GLY A 129 -3.48 -37.65 54.58
N LEU A 130 -4.08 -38.53 53.79
CA LEU A 130 -3.43 -39.83 53.49
C LEU A 130 -2.41 -39.73 52.37
N THR A 131 -1.37 -40.51 52.46
CA THR A 131 -0.27 -40.40 51.53
C THR A 131 -0.30 -41.50 50.45
N ARG A 132 -0.06 -41.12 49.20
CA ARG A 132 -0.01 -42.11 48.11
C ARG A 132 1.32 -42.00 47.49
N VAL A 133 1.88 -43.12 47.05
CA VAL A 133 3.23 -43.06 46.47
C VAL A 133 3.35 -44.08 45.37
N TYR A 134 4.10 -43.73 44.32
CA TYR A 134 4.36 -44.62 43.20
C TYR A 134 5.83 -44.72 43.03
N VAL A 135 6.38 -45.91 42.82
CA VAL A 135 7.79 -45.97 42.43
C VAL A 135 8.07 -46.98 41.34
N ASP A 136 9.04 -46.67 40.50
CA ASP A 136 9.39 -47.57 39.43
C ASP A 136 9.50 -49.02 39.85
N ARG A 137 8.80 -49.87 39.14
CA ARG A 137 8.93 -51.31 39.38
C ARG A 137 8.49 -51.68 40.79
N ASP A 138 7.65 -50.82 41.36
CA ASP A 138 7.12 -51.09 42.66
C ASP A 138 8.29 -51.40 43.54
N GLY A 139 9.49 -50.86 43.26
CA GLY A 139 10.67 -51.14 44.10
C GLY A 139 10.99 -49.99 45.06
N VAL A 140 12.30 -49.63 45.17
CA VAL A 140 12.69 -48.50 46.03
C VAL A 140 13.02 -47.20 45.35
N ASN A 141 12.88 -46.10 46.12
CA ASN A 141 13.07 -44.74 45.67
C ASN A 141 14.56 -44.41 45.47
N ILE A 142 15.04 -44.45 44.24
CA ILE A 142 16.43 -44.07 44.06
C ILE A 142 16.72 -42.90 43.10
N THR A 143 17.98 -42.67 42.79
CA THR A 143 18.32 -41.65 41.85
C THR A 143 18.61 -42.28 40.50
N VAL A 144 18.22 -41.59 39.44
CA VAL A 144 18.39 -42.13 38.11
C VAL A 144 18.93 -41.05 37.15
N ASN A 145 19.51 -41.46 36.03
CA ASN A 145 19.90 -40.52 35.02
C ASN A 145 18.85 -40.31 33.92
N LEU A 146 18.64 -39.07 33.45
CA LEU A 146 17.84 -38.89 32.24
C LEU A 146 18.73 -38.91 31.03
N LYS A 147 18.66 -39.93 30.21
CA LYS A 147 19.43 -39.95 28.98
C LYS A 147 18.55 -39.45 27.82
N PRO A 148 19.16 -38.81 26.80
CA PRO A 148 18.52 -38.37 25.53
C PRO A 148 17.69 -39.47 24.89
N THR A 149 16.59 -39.14 24.23
CA THR A 149 15.85 -40.18 23.52
C THR A 149 15.83 -39.73 22.10
N GLY A 150 15.12 -40.47 21.24
CA GLY A 150 15.12 -40.18 19.81
C GLY A 150 13.99 -39.21 19.63
N GLY A 151 13.93 -38.56 18.48
CA GLY A 151 12.74 -37.76 18.19
C GLY A 151 12.59 -37.43 16.74
N LEU A 152 11.65 -36.56 16.45
CA LEU A 152 11.41 -36.14 15.06
C LEU A 152 12.61 -35.44 14.49
N ALA A 153 12.85 -35.70 13.20
CA ALA A 153 13.68 -34.80 12.41
C ALA A 153 13.26 -33.43 12.88
N ASN A 154 14.22 -32.69 13.41
CA ASN A 154 13.99 -31.30 13.75
C ASN A 154 12.88 -30.90 14.70
N GLY A 155 12.37 -31.80 15.55
CA GLY A 155 11.30 -31.41 16.50
C GLY A 155 11.77 -31.24 17.93
N VAL A 156 10.84 -31.23 18.89
CA VAL A 156 11.20 -31.10 20.30
C VAL A 156 12.27 -32.14 20.66
N ARG A 157 13.11 -31.85 21.65
CA ARG A 157 14.13 -32.81 22.14
C ARG A 157 13.73 -33.24 23.53
N ARG A 158 13.78 -34.54 23.83
CA ARG A 158 13.45 -35.04 25.18
C ARG A 158 14.59 -35.80 25.85
N TYR A 159 14.51 -35.86 27.17
CA TYR A 159 15.38 -36.73 27.91
C TYR A 159 14.47 -37.56 28.77
N ALA A 160 14.66 -38.87 28.76
CA ALA A 160 13.81 -39.67 29.62
C ALA A 160 14.63 -40.51 30.57
N SER A 161 13.99 -41.05 31.61
CA SER A 161 14.73 -41.89 32.57
C SER A 161 14.36 -43.37 32.56
N GLN A 162 13.17 -43.73 32.06
CA GLN A 162 12.77 -45.11 31.92
C GLN A 162 12.01 -45.20 30.56
N THR A 163 12.73 -45.67 29.55
CA THR A 163 12.17 -45.87 28.26
C THR A 163 11.57 -47.24 28.14
N GLU A 164 11.53 -47.98 29.25
CA GLU A 164 10.95 -49.34 29.30
C GLU A 164 9.76 -49.39 30.20
N LEU A 165 8.78 -50.18 29.83
CA LEU A 165 7.56 -50.22 30.60
C LEU A 165 7.51 -51.53 31.37
N TYR A 166 7.15 -51.50 32.64
CA TYR A 166 7.29 -52.69 33.51
C TYR A 166 5.97 -53.41 33.44
N ASP A 167 5.97 -54.66 32.94
CA ASP A 167 4.70 -55.39 32.59
C ASP A 167 4.85 -56.93 32.63
N ALA A 168 5.40 -57.46 33.71
CA ALA A 168 5.78 -58.89 33.74
C ALA A 168 4.82 -59.74 34.55
N PRO A 169 4.28 -60.81 33.95
CA PRO A 169 3.25 -61.59 34.61
C PRO A 169 3.77 -61.99 35.97
N GLY A 170 2.96 -61.82 37.01
CA GLY A 170 3.25 -62.52 38.27
C GLY A 170 3.41 -63.98 37.91
N ARG A 171 3.99 -64.76 38.83
CA ARG A 171 4.33 -66.15 38.57
C ARG A 171 3.25 -67.18 38.85
N VAL A 172 2.11 -66.76 39.38
CA VAL A 172 1.05 -67.72 39.64
C VAL A 172 -0.01 -67.80 38.54
N GLU A 173 -0.21 -69.00 38.02
CA GLU A 173 -1.15 -69.18 36.93
C GLU A 173 -2.57 -68.77 37.33
N ALA A 174 -3.32 -68.19 36.40
CA ALA A 174 -4.68 -67.71 36.63
C ALA A 174 -4.77 -66.55 37.63
N THR A 175 -3.89 -65.56 37.54
CA THR A 175 -3.91 -64.41 38.47
C THR A 175 -3.45 -63.08 37.86
N TYR A 176 -4.06 -61.99 38.35
CA TYR A 176 -3.72 -60.63 37.90
C TYR A 176 -2.65 -60.05 38.78
N ARG A 177 -1.67 -59.41 38.18
CA ARG A 177 -0.68 -58.66 38.95
C ARG A 177 -0.66 -57.27 38.32
N THR A 178 -0.36 -56.25 39.11
CA THR A 178 -0.36 -54.88 38.60
C THR A 178 1.00 -54.26 38.83
N ARG A 179 1.63 -53.80 37.76
CA ARG A 179 3.03 -53.45 37.76
C ARG A 179 3.16 -51.94 37.63
N THR A 180 3.97 -51.31 38.48
CA THR A 180 4.15 -49.87 38.35
C THR A 180 5.45 -49.54 37.67
N THR A 181 5.37 -48.59 36.75
CA THR A 181 6.57 -48.04 36.11
C THR A 181 6.52 -46.54 36.14
N VAL A 182 7.63 -45.90 36.46
CA VAL A 182 7.69 -44.43 36.52
C VAL A 182 8.82 -43.92 35.66
N ASN A 183 8.60 -42.81 34.96
CA ASN A 183 9.57 -42.29 34.05
C ASN A 183 9.70 -40.77 34.19
N CYS A 184 10.91 -40.25 34.37
CA CYS A 184 11.04 -38.80 34.38
C CYS A 184 11.37 -38.31 33.00
N LEU A 185 10.71 -37.24 32.59
CA LEU A 185 10.77 -36.78 31.22
C LEU A 185 11.05 -35.29 31.19
N ILE A 186 12.09 -34.87 30.52
CA ILE A 186 12.29 -33.43 30.29
C ILE A 186 12.09 -33.18 28.78
N THR A 187 11.39 -32.10 28.44
CA THR A 187 11.23 -31.76 27.05
C THR A 187 11.66 -30.32 26.79
N ASP A 188 12.61 -30.17 25.86
CA ASP A 188 12.92 -28.88 25.32
C ASP A 188 12.14 -28.56 24.05
N MET A 189 11.45 -27.43 24.05
CA MET A 189 10.69 -27.01 22.89
C MET A 189 10.46 -25.53 22.94
N MET A 190 9.60 -25.00 22.08
CA MET A 190 9.40 -23.57 22.07
C MET A 190 8.00 -23.17 22.20
N ALA A 191 7.75 -21.94 22.61
CA ALA A 191 6.38 -21.51 22.74
C ALA A 191 6.21 -20.18 22.06
N LYS A 192 4.96 -19.83 21.77
CA LYS A 192 4.64 -18.63 21.03
C LYS A 192 3.56 -17.93 21.74
N SER A 193 3.64 -16.60 21.71
CA SER A 193 2.63 -15.75 22.31
C SER A 193 2.39 -14.50 21.46
N ASN A 194 1.14 -14.07 21.39
CA ASN A 194 0.72 -12.97 20.53
C ASN A 194 0.37 -11.84 21.42
N SER A 195 0.55 -10.60 20.98
CA SER A 195 0.14 -9.51 21.87
C SER A 195 -1.41 -9.39 21.91
N PRO A 196 -1.97 -8.88 23.01
CA PRO A 196 -1.27 -8.26 24.11
C PRO A 196 -0.83 -9.29 25.17
N PHE A 197 -0.52 -10.50 24.76
CA PHE A 197 0.13 -11.43 25.63
C PHE A 197 -0.70 -11.97 26.74
N ASP A 198 -1.89 -12.45 26.41
CA ASP A 198 -2.75 -12.98 27.46
C ASP A 198 -2.47 -14.43 27.85
N PHE A 199 -1.64 -15.11 27.05
CA PHE A 199 -1.35 -16.52 27.24
C PHE A 199 -0.38 -16.96 26.17
N PHE A 200 0.13 -18.20 26.27
CA PHE A 200 0.99 -18.68 25.22
C PHE A 200 0.91 -20.17 24.96
N VAL A 201 1.49 -20.68 23.89
CA VAL A 201 1.34 -22.09 23.64
C VAL A 201 2.58 -22.80 23.17
N THR A 202 2.82 -23.97 23.69
CA THR A 202 4.09 -24.58 23.50
C THR A 202 3.92 -25.44 22.30
N THR A 203 5.05 -25.78 21.67
CA THR A 203 5.04 -26.58 20.47
C THR A 203 4.09 -27.71 20.53
N THR A 204 4.05 -28.45 21.62
CA THR A 204 3.27 -29.66 21.58
C THR A 204 1.78 -29.50 21.87
N GLY A 205 1.30 -28.29 22.16
CA GLY A 205 -0.13 -28.06 22.18
C GLY A 205 -0.56 -27.58 23.54
N GLN A 206 0.38 -27.34 24.41
CA GLN A 206 0.00 -26.94 25.72
C GLN A 206 -0.15 -25.46 25.84
N THR A 207 -1.05 -25.06 26.71
CA THR A 207 -1.48 -23.70 26.80
C THR A 207 -1.15 -23.14 28.18
N VAL A 208 -0.81 -21.89 28.31
CA VAL A 208 -0.56 -21.41 29.65
C VAL A 208 -1.28 -20.09 29.82
N GLU A 209 -2.08 -19.94 30.85
CA GLU A 209 -2.86 -18.74 30.87
C GLU A 209 -2.17 -17.50 31.46
N MET A 210 -1.14 -16.99 30.80
CA MET A 210 -0.46 -15.79 31.30
C MET A 210 0.61 -15.23 30.35
N SER A 211 1.01 -14.00 30.55
CA SER A 211 2.10 -13.43 29.78
C SER A 211 3.48 -14.09 29.89
N PRO A 212 4.20 -14.27 28.77
CA PRO A 212 5.52 -14.82 28.98
C PRO A 212 6.40 -13.81 29.69
N PHE A 213 5.95 -12.56 29.77
CA PHE A 213 6.74 -11.51 30.43
C PHE A 213 6.38 -11.14 31.85
N TYR A 214 5.79 -12.03 32.62
CA TYR A 214 5.28 -11.67 33.93
C TYR A 214 6.17 -12.11 35.08
N ASP A 215 6.29 -11.31 36.14
CA ASP A 215 7.03 -11.67 37.40
C ASP A 215 6.23 -11.16 38.60
N GLY A 216 6.69 -11.36 39.82
CA GLY A 216 5.96 -10.71 40.90
C GLY A 216 5.70 -9.20 40.69
N LYS A 217 4.46 -8.78 40.62
CA LYS A 217 4.18 -7.34 40.75
C LYS A 217 4.11 -6.57 39.45
N ASN A 218 4.55 -7.22 38.38
CA ASN A 218 4.40 -6.72 37.03
C ASN A 218 2.96 -6.42 36.63
N LYS A 219 2.74 -5.44 35.77
CA LYS A 219 1.41 -5.22 35.20
C LYS A 219 1.01 -6.29 34.15
N GLU A 220 1.95 -7.16 33.80
CA GLU A 220 1.80 -8.16 32.76
C GLU A 220 0.65 -9.08 33.19
N THR A 221 0.08 -9.87 32.28
CA THR A 221 -1.18 -10.55 32.64
C THR A 221 -0.92 -11.92 33.21
N PHE A 222 -1.72 -12.34 34.18
CA PHE A 222 -1.47 -13.58 34.92
C PHE A 222 -2.78 -14.23 35.34
N HIS A 223 -3.12 -15.39 34.79
CA HIS A 223 -4.34 -16.06 35.21
C HIS A 223 -4.16 -17.42 35.89
N GLU A 224 -2.92 -17.84 36.07
CA GLU A 224 -2.64 -19.01 36.84
C GLU A 224 -2.75 -18.84 38.36
N ARG A 225 -2.57 -19.94 39.09
CA ARG A 225 -2.59 -19.93 40.55
C ARG A 225 -1.48 -19.01 40.94
N ALA A 226 -1.69 -18.26 42.02
CA ALA A 226 -0.81 -17.19 42.43
C ALA A 226 0.55 -17.66 42.91
N ASP A 227 0.66 -18.96 43.17
CA ASP A 227 1.70 -19.50 44.02
C ASP A 227 2.14 -20.80 43.39
N SER A 228 1.79 -20.97 42.13
CA SER A 228 2.36 -22.02 41.35
C SER A 228 3.47 -21.38 40.52
N PHE A 229 3.47 -20.05 40.46
CA PHE A 229 4.46 -19.31 39.71
C PHE A 229 5.55 -18.85 40.63
N HIS A 230 6.78 -18.99 40.21
CA HIS A 230 7.84 -18.30 40.91
C HIS A 230 9.11 -18.17 40.09
N VAL A 231 9.96 -17.19 40.41
CA VAL A 231 11.12 -16.91 39.56
C VAL A 231 12.43 -17.03 40.30
N ARG A 232 13.39 -17.66 39.63
CA ARG A 232 14.66 -17.94 40.23
C ARG A 232 15.69 -17.00 39.68
N THR A 233 16.73 -16.78 40.46
CA THR A 233 17.62 -15.70 40.15
C THR A 233 18.98 -16.25 40.16
N ASN A 234 19.73 -15.94 39.11
CA ASN A 234 21.00 -16.61 38.91
C ASN A 234 20.82 -18.12 38.81
N TYR A 235 19.92 -18.55 37.94
CA TYR A 235 19.58 -19.97 37.79
C TYR A 235 20.53 -20.73 36.87
N LYS A 236 20.83 -21.98 37.21
CA LYS A 236 21.87 -22.71 36.52
C LYS A 236 21.37 -23.83 35.61
N ILE A 237 21.03 -23.54 34.35
CA ILE A 237 20.54 -24.62 33.49
C ILE A 237 21.69 -24.97 32.63
N VAL A 238 21.87 -26.23 32.34
CA VAL A 238 22.87 -26.58 31.39
C VAL A 238 22.35 -27.59 30.40
N ASP A 239 22.85 -27.49 29.18
CA ASP A 239 22.60 -28.48 28.18
C ASP A 239 23.25 -29.79 28.56
N TYR A 240 22.58 -30.85 28.15
CA TYR A 240 23.00 -32.21 28.42
C TYR A 240 24.44 -32.36 28.04
N ASP A 241 24.89 -31.59 27.05
CA ASP A 241 26.30 -31.70 26.67
C ASP A 241 27.31 -30.91 27.48
N ASN A 242 26.84 -29.98 28.31
CA ASN A 242 27.69 -29.37 29.31
C ASN A 242 27.18 -29.81 30.68
N ARG A 243 26.56 -30.98 30.75
CA ARG A 243 26.21 -31.63 32.02
C ARG A 243 27.35 -31.36 33.00
N GLY A 244 27.04 -30.81 34.18
CA GLY A 244 28.07 -30.53 35.21
C GLY A 244 29.07 -29.39 34.94
N THR A 245 28.82 -28.59 33.92
CA THR A 245 29.54 -27.34 33.72
C THR A 245 28.84 -26.23 34.56
N ASN A 246 29.61 -25.32 35.16
CA ASN A 246 28.98 -24.12 35.79
C ASN A 246 28.75 -22.92 34.86
N PRO A 247 27.51 -22.74 34.35
CA PRO A 247 27.29 -21.74 33.31
C PRO A 247 27.03 -20.38 33.96
N GLN A 248 26.51 -19.43 33.19
CA GLN A 248 26.50 -18.02 33.61
C GLN A 248 25.43 -17.69 34.66
N GLY A 249 24.23 -18.21 34.45
CA GLY A 249 23.16 -17.95 35.40
C GLY A 249 22.23 -16.96 34.76
N GLU A 250 20.95 -17.10 35.03
CA GLU A 250 19.94 -16.38 34.29
C GLU A 250 18.70 -16.28 35.16
N ARG A 251 17.71 -15.49 34.74
CA ARG A 251 16.50 -15.36 35.51
C ARG A 251 15.51 -16.31 34.88
N ARG A 252 14.95 -17.22 35.65
CA ARG A 252 14.01 -18.16 35.10
C ARG A 252 12.70 -18.23 35.80
N ALA A 253 11.64 -18.21 35.01
CA ALA A 253 10.27 -18.43 35.45
C ALA A 253 10.09 -19.90 35.68
N PHE A 254 9.36 -20.26 36.73
CA PHE A 254 8.94 -21.65 36.92
C PHE A 254 7.46 -21.72 37.19
N LEU A 255 6.78 -22.64 36.51
CA LEU A 255 5.31 -22.77 36.62
C LEU A 255 4.87 -24.21 36.82
N ASP A 256 3.95 -24.42 37.76
CA ASP A 256 3.40 -25.72 37.99
C ASP A 256 2.02 -25.88 37.35
N LYS A 257 1.86 -26.84 36.45
CA LYS A 257 0.59 -26.99 35.77
C LYS A 257 -0.09 -28.34 36.09
N GLY A 258 0.24 -28.91 37.24
CA GLY A 258 -0.39 -30.16 37.64
C GLY A 258 0.23 -31.38 36.99
N THR A 259 0.39 -31.38 35.68
CA THR A 259 0.78 -32.60 35.07
C THR A 259 2.16 -32.36 34.51
N TYR A 260 2.61 -31.12 34.68
CA TYR A 260 3.96 -30.79 34.30
C TYR A 260 4.43 -29.46 34.89
N THR A 261 5.75 -29.28 34.92
CA THR A 261 6.31 -27.98 35.22
C THR A 261 6.92 -27.40 33.96
N LEU A 262 6.89 -26.08 33.87
CA LEU A 262 7.37 -25.36 32.71
C LEU A 262 8.31 -24.30 33.20
N SER A 263 9.41 -24.07 32.49
CA SER A 263 10.26 -22.92 32.76
C SER A 263 10.73 -22.25 31.45
N TRP A 264 11.02 -20.97 31.51
CA TRP A 264 11.55 -20.27 30.37
C TRP A 264 12.40 -19.17 30.93
N LYS A 265 13.15 -18.47 30.09
CA LYS A 265 14.06 -17.46 30.57
C LYS A 265 13.27 -16.18 30.75
N LEU A 266 13.58 -15.37 31.75
CA LEU A 266 12.67 -14.25 31.97
C LEU A 266 13.13 -12.97 31.31
N GLU A 267 12.78 -12.80 30.03
CA GLU A 267 13.13 -11.61 29.30
C GLU A 267 12.24 -10.46 29.77
N ASN A 268 12.71 -9.21 29.66
CA ASN A 268 11.83 -8.05 29.75
C ASN A 268 10.82 -8.06 28.58
N ARG A 269 9.80 -7.20 28.63
CA ARG A 269 8.87 -7.14 27.51
C ARG A 269 9.44 -6.42 26.29
N THR A 270 10.56 -5.74 26.46
CA THR A 270 11.23 -5.10 25.34
C THR A 270 11.76 -6.16 24.38
N ALA A 271 11.77 -7.41 24.81
CA ALA A 271 12.26 -8.43 23.92
C ALA A 271 11.50 -8.40 22.60
N TYR A 272 10.28 -7.87 22.58
CA TYR A 272 9.31 -8.10 21.49
C TYR A 272 8.96 -6.84 20.75
N CYS A 273 8.86 -6.89 19.42
CA CYS A 273 8.59 -5.64 18.71
C CYS A 273 7.39 -5.55 17.72
N PRO A 274 6.48 -4.58 17.96
CA PRO A 274 5.16 -4.35 17.39
C PRO A 274 5.20 -4.22 15.90
N LEU A 275 6.23 -3.53 15.41
CA LEU A 275 6.30 -3.29 14.00
C LEU A 275 7.62 -3.80 13.48
N GLN A 276 7.67 -4.14 12.19
CA GLN A 276 8.92 -4.59 11.63
C GLN A 276 9.29 -3.95 10.30
N HIS A 277 10.59 -3.97 10.04
CA HIS A 277 11.12 -3.26 8.91
C HIS A 277 10.71 -3.89 7.63
N TRP A 278 10.17 -3.08 6.73
CA TRP A 278 9.62 -3.55 5.47
C TRP A 278 10.49 -3.30 4.27
N GLN A 279 10.88 -2.04 4.11
CA GLN A 279 11.60 -1.56 2.94
C GLN A 279 12.41 -0.32 3.30
N THR A 280 13.51 -0.14 2.57
CA THR A 280 14.39 1.00 2.81
C THR A 280 14.89 1.60 1.47
N PHE A 281 14.66 2.91 1.29
CA PHE A 281 14.76 3.54 -0.03
C PHE A 281 15.82 4.62 -0.18
N ASP A 282 16.94 4.22 -0.80
CA ASP A 282 18.11 5.06 -1.12
C ASP A 282 17.87 6.49 -1.57
N SER A 283 17.14 6.63 -2.67
CA SER A 283 16.86 7.93 -3.21
C SER A 283 15.38 8.09 -3.35
N THR A 284 14.82 9.05 -2.62
CA THR A 284 13.42 9.31 -2.70
C THR A 284 13.11 10.80 -2.54
N ILE A 285 12.08 11.23 -3.24
CA ILE A 285 11.73 12.63 -3.35
C ILE A 285 10.45 12.84 -2.61
N ALA A 286 10.47 13.77 -1.65
CA ALA A 286 9.30 14.07 -0.87
C ALA A 286 8.64 15.31 -1.42
N THR A 287 7.43 15.17 -1.93
CA THR A 287 6.79 16.28 -2.62
C THR A 287 5.53 16.81 -1.94
N GLU A 288 5.57 18.08 -1.54
CA GLU A 288 4.54 18.65 -0.65
C GLU A 288 3.34 19.23 -1.41
N THR A 289 2.18 19.22 -0.76
CA THR A 289 0.90 19.62 -1.37
C THR A 289 0.06 20.33 -0.30
N GLY A 290 -1.22 20.54 -0.60
CA GLY A 290 -2.14 21.14 0.39
C GLY A 290 -2.48 20.20 1.55
N LYS A 291 -3.37 19.24 1.26
CA LYS A 291 -3.68 18.10 2.14
C LYS A 291 -2.42 17.48 2.76
N SER A 292 -1.64 16.83 1.91
CA SER A 292 -0.67 15.84 2.33
C SER A 292 0.77 16.10 1.86
N ILE A 293 1.61 15.11 2.05
CA ILE A 293 2.94 15.04 1.46
C ILE A 293 3.04 13.73 0.67
N HIS A 294 3.52 13.74 -0.56
CA HIS A 294 3.75 12.49 -1.26
C HIS A 294 5.21 12.14 -1.22
N PHE A 295 5.54 10.96 -0.68
CA PHE A 295 6.90 10.42 -0.73
C PHE A 295 7.04 9.44 -1.88
N VAL A 296 7.48 9.92 -3.02
CA VAL A 296 7.59 9.06 -4.17
C VAL A 296 9.01 8.48 -4.24
N THR A 297 9.10 7.19 -4.50
CA THR A 297 10.39 6.56 -4.73
C THR A 297 10.39 5.87 -6.08
N ASP A 298 11.44 6.10 -6.83
CA ASP A 298 11.47 5.61 -8.19
C ASP A 298 11.82 4.14 -8.19
N GLU A 299 12.67 3.74 -7.24
CA GLU A 299 13.10 2.35 -7.17
C GLU A 299 11.93 1.44 -6.79
N GLY A 300 11.30 1.70 -5.65
CA GLY A 300 10.17 0.88 -5.24
C GLY A 300 8.99 1.02 -6.18
N THR A 301 9.17 1.88 -7.18
CA THR A 301 8.12 2.17 -8.13
C THR A 301 6.80 2.44 -7.40
N SER A 302 6.88 3.20 -6.31
CA SER A 302 5.72 3.44 -5.46
C SER A 302 5.78 4.76 -4.68
N SER A 303 4.68 5.16 -4.06
CA SER A 303 4.60 6.47 -3.44
C SER A 303 3.66 6.53 -2.23
N PHE A 304 4.23 6.90 -1.09
CA PHE A 304 3.53 6.85 0.16
C PHE A 304 3.00 8.20 0.47
N VAL A 305 1.70 8.29 0.72
CA VAL A 305 1.09 9.56 1.03
C VAL A 305 0.72 9.65 2.50
N THR A 306 0.97 10.80 3.11
CA THR A 306 0.63 10.98 4.51
C THR A 306 -0.15 12.23 4.81
N ASN A 307 -1.14 12.09 5.66
CA ASN A 307 -1.94 13.20 6.11
C ASN A 307 -1.17 13.98 7.19
N THR A 308 -0.32 14.91 6.78
CA THR A 308 0.59 15.57 7.73
C THR A 308 0.74 17.07 7.55
N THR A 309 0.87 17.53 6.32
CA THR A 309 1.06 18.97 6.06
C THR A 309 2.26 19.54 6.84
N VAL A 310 3.38 18.82 6.84
CA VAL A 310 4.61 19.21 7.58
C VAL A 310 4.64 18.62 9.01
N GLY A 311 3.51 18.07 9.46
CA GLY A 311 3.38 17.60 10.85
C GLY A 311 4.23 16.37 11.14
N ILE A 312 5.51 16.59 11.41
CA ILE A 312 6.44 15.50 11.72
C ILE A 312 6.24 14.98 13.15
N GLU A 313 6.10 13.66 13.31
CA GLU A 313 5.86 13.13 14.62
C GLU A 313 7.12 12.55 15.23
N LEU A 314 6.96 12.10 16.48
CA LEU A 314 7.95 11.36 17.27
C LEU A 314 7.13 10.26 17.98
N PRO A 315 7.55 8.97 17.88
CA PRO A 315 6.71 7.83 18.31
C PRO A 315 6.97 7.51 19.76
N ASP A 316 6.11 6.73 20.42
CA ASP A 316 6.27 6.57 21.86
C ASP A 316 6.58 5.13 22.32
N ALA A 317 5.68 4.20 22.02
CA ALA A 317 5.81 2.79 22.38
C ALA A 317 6.39 1.97 21.20
N PHE A 318 7.01 2.68 20.25
CA PHE A 318 7.71 2.05 19.12
C PHE A 318 9.21 2.28 19.22
N LYS A 319 9.65 2.83 20.34
CA LYS A 319 11.07 2.98 20.63
C LYS A 319 11.90 1.75 20.25
N CYS A 320 11.25 0.61 20.05
CA CYS A 320 11.96 -0.62 19.70
C CYS A 320 12.76 -0.46 18.38
N ILE A 321 12.44 0.58 17.62
CA ILE A 321 12.97 0.77 16.27
C ILE A 321 14.23 1.65 16.19
N GLU A 322 14.28 2.65 17.08
CA GLU A 322 15.36 3.61 17.13
C GLU A 322 16.65 2.99 16.58
N GLU A 323 17.15 1.95 17.24
CA GLU A 323 18.43 1.30 16.93
C GLU A 323 18.62 1.03 15.46
N GLN A 324 17.86 0.11 14.90
CA GLN A 324 18.03 -0.18 13.49
C GLN A 324 17.74 1.05 12.63
N VAL A 325 16.73 1.83 13.03
CA VAL A 325 16.31 2.97 12.22
C VAL A 325 17.45 3.90 12.00
N ASN A 326 18.28 4.07 13.03
CA ASN A 326 19.36 5.04 12.96
C ASN A 326 20.73 4.43 12.66
N LYS A 327 20.79 3.10 12.57
CA LYS A 327 22.01 2.48 12.09
C LYS A 327 22.00 2.60 10.58
N THR A 328 20.83 2.37 10.00
CA THR A 328 20.68 2.35 8.56
C THR A 328 20.80 3.75 7.98
N MET A 329 20.22 4.74 8.65
CA MET A 329 20.35 6.11 8.20
C MET A 329 21.83 6.52 8.15
N HIS A 330 22.61 6.03 9.10
CA HIS A 330 24.03 6.31 9.20
C HIS A 330 24.81 5.74 8.01
N GLU A 331 24.47 4.52 7.60
CA GLU A 331 25.11 3.89 6.46
C GLU A 331 24.77 4.62 5.18
N LYS A 332 23.48 4.90 5.00
CA LYS A 332 23.04 5.63 3.85
C LYS A 332 23.75 6.95 3.82
N TYR A 333 23.58 7.76 4.87
CA TYR A 333 24.19 9.08 4.88
C TYR A 333 25.64 8.95 4.47
N GLU A 334 26.40 8.17 5.23
CA GLU A 334 27.84 8.16 5.02
C GLU A 334 28.19 7.77 3.58
N ALA A 335 27.51 6.77 3.03
CA ALA A 335 27.79 6.30 1.68
C ALA A 335 27.29 7.22 0.55
N VAL A 336 26.93 8.45 0.89
CA VAL A 336 26.52 9.45 -0.11
C VAL A 336 26.85 10.84 0.43
N GLN A 337 27.66 10.85 1.49
CA GLN A 337 27.83 12.02 2.35
C GLN A 337 28.40 13.27 1.67
N ASP A 338 28.95 13.12 0.47
CA ASP A 338 29.77 14.17 -0.15
C ASP A 338 28.98 15.21 -0.95
N ARG A 339 27.98 14.73 -1.68
CA ARG A 339 27.15 15.61 -2.47
C ARG A 339 25.97 16.09 -1.64
N TYR A 340 25.90 15.66 -0.38
CA TYR A 340 24.72 15.93 0.44
C TYR A 340 24.95 16.21 1.91
N THR A 341 24.10 17.08 2.46
CA THR A 341 24.14 17.45 3.87
C THR A 341 22.78 17.14 4.50
N LYS A 342 22.76 17.06 5.84
CA LYS A 342 21.52 16.78 6.56
C LYS A 342 20.66 18.04 6.76
N GLY A 343 19.37 17.91 6.43
CA GLY A 343 18.40 19.02 6.50
C GLY A 343 17.73 19.17 7.87
N GLN A 344 17.30 18.06 8.43
CA GLN A 344 16.89 18.04 9.82
C GLN A 344 18.09 17.39 10.52
N GLU A 345 18.36 17.77 11.77
CA GLU A 345 19.45 17.13 12.52
C GLU A 345 19.00 15.81 13.12
N ALA A 346 17.69 15.68 13.29
CA ALA A 346 17.11 14.43 13.79
C ALA A 346 16.22 13.86 12.69
N ILE A 347 15.71 12.66 12.94
CA ILE A 347 14.81 12.01 12.02
C ILE A 347 13.37 12.32 12.45
N THR A 348 12.43 12.30 11.52
CA THR A 348 11.04 12.54 11.88
C THR A 348 10.11 11.44 11.39
N TYR A 349 8.92 11.39 11.97
CA TYR A 349 8.08 10.23 11.76
C TYR A 349 6.70 10.54 11.19
N PHE A 350 6.27 9.70 10.27
CA PHE A 350 5.03 9.93 9.54
C PHE A 350 4.19 8.67 9.51
N ILE A 351 2.88 8.84 9.48
CA ILE A 351 2.02 7.68 9.33
C ILE A 351 1.17 7.69 8.07
N THR A 352 1.44 6.71 7.21
CA THR A 352 0.66 6.43 6.01
C THR A 352 -0.83 6.17 6.30
N SER A 353 -1.69 6.52 5.35
CA SER A 353 -3.13 6.20 5.46
C SER A 353 -3.42 4.70 5.45
N GLY A 354 -2.47 3.92 4.94
CA GLY A 354 -2.62 2.48 4.87
C GLY A 354 -1.93 1.82 6.05
N GLY A 355 -1.49 2.63 7.00
CA GLY A 355 -0.93 2.13 8.27
C GLY A 355 0.54 1.75 8.26
N LEU A 356 1.30 2.27 7.29
CA LEU A 356 2.75 2.12 7.28
C LEU A 356 3.38 3.24 8.08
N LEU A 357 4.59 3.05 8.59
CA LEU A 357 5.23 4.12 9.35
C LEU A 357 6.54 4.58 8.73
N LEU A 358 6.56 5.84 8.29
CA LEU A 358 7.69 6.38 7.57
C LEU A 358 8.71 7.05 8.49
N ALA A 359 9.95 6.57 8.39
CA ALA A 359 11.10 7.30 8.95
C ALA A 359 11.84 7.97 7.79
N TRP A 360 12.22 9.22 8.01
CA TRP A 360 12.71 10.07 6.94
C TRP A 360 13.61 11.15 7.43
N LEU A 361 14.73 11.31 6.77
CA LEU A 361 15.49 12.54 6.94
C LEU A 361 15.91 13.01 5.56
N PRO A 362 15.68 14.31 5.28
CA PRO A 362 15.86 14.85 3.95
C PRO A 362 17.31 15.23 3.80
N LEU A 363 17.82 15.20 2.58
CA LEU A 363 19.18 15.68 2.37
C LEU A 363 19.20 16.77 1.35
N THR A 364 19.97 17.82 1.64
CA THR A 364 20.19 18.89 0.70
C THR A 364 21.55 18.69 0.05
N PRO A 365 21.73 19.24 -1.17
CA PRO A 365 22.98 19.12 -1.90
C PRO A 365 24.11 19.93 -1.29
N ARG A 366 25.36 19.51 -1.53
CA ARG A 366 26.50 20.33 -1.19
C ARG A 366 26.87 21.08 -2.48
N SER A 367 27.53 22.23 -2.33
CA SER A 367 27.93 23.12 -3.44
C SER A 367 28.59 22.37 -4.59
N LEU A 368 28.53 22.93 -5.80
CA LEU A 368 29.10 22.28 -6.98
C LEU A 368 30.38 22.97 -7.43
N LYS A 426 0.56 -0.86 21.57
CA LYS A 426 -0.37 -0.72 20.44
C LYS A 426 0.25 -0.82 19.04
N SER A 427 -0.62 -0.87 18.03
CA SER A 427 -0.22 -1.15 16.65
C SER A 427 -0.53 0.03 15.75
N LEU A 428 0.01 0.05 14.53
CA LEU A 428 -0.32 1.13 13.61
C LEU A 428 -1.37 0.68 12.59
N GLY A 429 -1.76 -0.58 12.71
CA GLY A 429 -2.88 -1.10 11.93
C GLY A 429 -2.68 -1.15 10.42
N THR A 430 -1.57 -1.72 9.98
CA THR A 430 -1.29 -1.84 8.56
C THR A 430 -2.45 -2.51 7.83
N LEU A 431 -2.97 -1.90 6.78
CA LEU A 431 -3.83 -2.63 5.87
C LEU A 431 -2.99 -3.55 4.99
N ASN A 432 -3.57 -4.63 4.49
CA ASN A 432 -2.81 -5.49 3.61
C ASN A 432 -3.10 -5.28 2.13
N ASN A 433 -2.86 -4.06 1.65
CA ASN A 433 -3.12 -3.77 0.26
C ASN A 433 -1.96 -3.10 -0.43
N PRO A 434 -0.98 -3.90 -0.86
CA PRO A 434 0.24 -3.44 -1.48
C PRO A 434 -0.02 -2.64 -2.75
N ALA A 435 -1.20 -2.78 -3.36
CA ALA A 435 -1.48 -2.07 -4.60
C ALA A 435 -1.58 -0.55 -4.43
N THR A 436 -2.15 -0.10 -3.33
CA THR A 436 -2.41 1.33 -3.21
C THR A 436 -1.20 2.15 -3.57
N VAL A 437 -0.09 1.93 -2.90
CA VAL A 437 1.10 2.77 -3.14
C VAL A 437 1.65 2.76 -4.57
N GLN A 438 1.35 1.73 -5.36
CA GLN A 438 1.78 1.69 -6.76
C GLN A 438 0.79 2.37 -7.71
N ILE A 439 -0.50 2.22 -7.47
CA ILE A 439 -1.44 3.05 -8.15
C ILE A 439 -1.08 4.51 -7.86
N GLN A 440 -0.98 4.86 -6.59
CA GLN A 440 -0.63 6.20 -6.25
C GLN A 440 0.55 6.66 -7.01
N PHE A 441 1.35 5.74 -7.54
CA PHE A 441 2.62 6.10 -8.18
C PHE A 441 2.49 6.19 -9.68
N ALA A 442 1.70 5.30 -10.27
CA ALA A 442 1.34 5.41 -11.68
C ALA A 442 0.81 6.81 -11.91
N TYR A 443 -0.26 7.11 -11.20
CA TYR A 443 -0.93 8.37 -11.40
C TYR A 443 -0.06 9.55 -10.97
N ASP A 444 0.66 9.43 -9.87
CA ASP A 444 1.54 10.53 -9.50
C ASP A 444 2.57 10.78 -10.60
N SER A 445 2.90 9.73 -11.33
CA SER A 445 3.98 9.81 -12.29
C SER A 445 3.48 10.38 -13.62
N LEU A 446 2.40 9.80 -14.12
CA LEU A 446 1.76 10.30 -15.32
C LEU A 446 1.28 11.72 -15.13
N ARG A 447 1.19 12.17 -13.89
CA ARG A 447 0.89 13.56 -13.65
C ARG A 447 2.14 14.39 -13.92
N ARG A 448 3.24 14.09 -13.25
CA ARG A 448 4.45 14.88 -13.46
C ARG A 448 4.81 14.93 -14.94
N GLN A 449 4.51 13.87 -15.68
CA GLN A 449 4.92 13.83 -17.08
C GLN A 449 3.99 14.55 -18.06
N ILE A 450 2.70 14.53 -17.77
CA ILE A 450 1.73 15.20 -18.61
C ILE A 450 1.83 16.69 -18.39
N ASN A 451 1.99 17.07 -17.14
CA ASN A 451 2.09 18.46 -16.77
C ASN A 451 3.35 19.14 -17.29
N ARG A 452 4.43 18.39 -17.45
CA ARG A 452 5.65 19.00 -17.98
C ARG A 452 5.62 19.13 -19.47
N MET A 453 4.80 18.33 -20.13
CA MET A 453 4.65 18.43 -21.56
C MET A 453 3.63 19.55 -21.86
N LEU A 454 2.80 19.85 -20.88
CA LEU A 454 1.75 20.85 -21.01
C LEU A 454 2.35 22.22 -20.83
N GLY A 455 3.49 22.26 -20.14
CA GLY A 455 4.21 23.49 -19.93
C GLY A 455 4.92 23.93 -21.19
N ASP A 456 5.30 22.95 -22.00
CA ASP A 456 5.96 23.22 -23.27
C ASP A 456 4.93 23.61 -24.29
N LEU A 457 3.76 22.99 -24.21
CA LEU A 457 2.68 23.44 -25.04
C LEU A 457 2.54 24.93 -24.77
N ALA A 458 2.47 25.30 -23.50
CA ALA A 458 2.46 26.73 -23.15
C ALA A 458 3.58 27.56 -23.81
N ARG A 459 4.83 27.37 -23.39
CA ARG A 459 5.90 28.17 -23.96
C ARG A 459 5.87 28.16 -25.47
N ALA A 460 5.95 27.00 -26.10
CA ALA A 460 5.96 26.95 -27.55
C ALA A 460 4.73 27.63 -28.19
N TRP A 461 3.57 27.49 -27.56
CA TRP A 461 2.34 28.08 -28.12
C TRP A 461 2.29 29.59 -27.93
N CYS A 462 2.88 30.04 -26.83
CA CYS A 462 3.00 31.45 -26.54
C CYS A 462 3.85 32.17 -27.62
N LEU A 463 4.97 31.56 -27.99
CA LEU A 463 5.77 32.08 -29.08
C LEU A 463 4.91 32.24 -30.32
N GLU A 464 4.12 31.24 -30.66
CA GLU A 464 3.24 31.34 -31.82
C GLU A 464 2.32 32.56 -31.78
N GLN A 465 1.86 32.94 -30.59
CA GLN A 465 1.00 34.11 -30.45
C GLN A 465 1.80 35.37 -30.58
N LYS A 466 3.00 35.34 -30.02
CA LYS A 466 3.90 36.48 -30.05
C LYS A 466 4.20 36.92 -31.49
N ARG A 467 4.19 35.96 -32.41
CA ARG A 467 4.42 36.30 -33.80
C ARG A 467 3.12 36.44 -34.59
N GLN A 468 2.07 35.73 -34.18
CA GLN A 468 0.77 35.94 -34.78
C GLN A 468 0.35 37.35 -34.47
N ASN A 469 0.84 37.89 -33.35
CA ASN A 469 0.53 39.28 -33.04
C ASN A 469 1.14 40.23 -34.07
N MET A 470 2.47 40.32 -34.05
CA MET A 470 3.21 41.16 -34.98
C MET A 470 2.63 41.10 -36.38
N VAL A 471 2.43 39.89 -36.91
CA VAL A 471 1.93 39.71 -38.27
C VAL A 471 0.68 40.52 -38.54
N LEU A 472 -0.26 40.51 -37.59
CA LEU A 472 -1.45 41.34 -37.70
C LEU A 472 -1.11 42.83 -37.79
N ARG A 473 -0.23 43.30 -36.91
CA ARG A 473 0.16 44.70 -36.91
C ARG A 473 0.51 45.10 -38.33
N GLU A 474 1.10 44.15 -39.06
CA GLU A 474 1.45 44.41 -40.44
C GLU A 474 0.21 44.38 -41.31
N LEU A 475 -0.42 43.22 -41.40
CA LEU A 475 -1.58 43.05 -42.26
C LEU A 475 -2.63 44.14 -42.21
N THR A 476 -2.79 44.81 -41.08
CA THR A 476 -3.73 45.93 -41.03
C THR A 476 -3.39 46.98 -42.08
N LYS A 477 -2.11 47.28 -42.21
CA LYS A 477 -1.63 48.29 -43.16
C LYS A 477 -2.09 48.03 -44.59
N ILE A 478 -2.47 46.80 -44.91
CA ILE A 478 -2.97 46.49 -46.25
C ILE A 478 -4.43 46.92 -46.39
N ASN A 479 -5.30 46.35 -45.56
CA ASN A 479 -6.68 46.82 -45.44
C ASN A 479 -7.11 46.56 -44.01
N PRO A 480 -7.30 47.63 -43.23
CA PRO A 480 -7.48 47.46 -41.79
C PRO A 480 -8.74 46.65 -41.50
N THR A 481 -9.75 46.84 -42.34
CA THR A 481 -11.09 46.29 -42.12
C THR A 481 -11.15 44.79 -41.84
N THR A 482 -10.94 44.00 -42.88
CA THR A 482 -11.01 42.54 -42.78
C THR A 482 -10.18 42.04 -41.60
N VAL A 483 -8.89 42.36 -41.61
CA VAL A 483 -8.01 42.05 -40.49
C VAL A 483 -8.74 42.33 -39.18
N MET A 484 -9.48 43.44 -39.16
CA MET A 484 -10.21 43.85 -37.97
C MET A 484 -11.39 42.93 -37.66
N SER A 485 -12.35 42.88 -38.58
CA SER A 485 -13.49 41.98 -38.44
C SER A 485 -13.02 40.63 -37.92
N SER A 486 -12.04 40.06 -38.63
CA SER A 486 -11.44 38.80 -38.25
C SER A 486 -11.12 38.67 -36.75
N ILE A 487 -10.20 39.49 -36.24
CA ILE A 487 -9.79 39.40 -34.84
C ILE A 487 -10.96 39.56 -33.89
N TYR A 488 -11.83 40.52 -34.21
CA TYR A 488 -13.01 40.78 -33.42
C TYR A 488 -13.95 39.59 -33.45
N GLY A 489 -14.50 39.31 -34.63
CA GLY A 489 -15.49 38.24 -34.79
C GLY A 489 -16.85 38.79 -35.13
N LYS A 490 -16.87 39.93 -35.84
CA LYS A 490 -18.10 40.55 -36.30
C LYS A 490 -17.82 41.55 -37.42
N ALA A 491 -18.86 41.85 -38.18
CA ALA A 491 -18.76 42.88 -39.19
C ALA A 491 -18.33 44.16 -38.49
N VAL A 492 -17.16 44.68 -38.88
CA VAL A 492 -16.69 46.01 -38.45
C VAL A 492 -15.98 46.73 -39.58
N ALA A 493 -15.61 47.99 -39.33
CA ALA A 493 -14.83 48.79 -40.28
C ALA A 493 -13.92 49.79 -39.55
N ALA A 494 -12.79 50.13 -40.17
CA ALA A 494 -11.77 50.92 -39.50
C ALA A 494 -10.86 51.67 -40.46
N LYS A 495 -10.35 52.80 -40.00
CA LYS A 495 -9.29 53.50 -40.70
C LYS A 495 -8.02 53.38 -39.86
N ARG A 496 -6.89 53.76 -40.44
CA ARG A 496 -5.64 53.73 -39.67
C ARG A 496 -5.07 55.14 -39.51
N LEU A 497 -4.96 55.55 -38.25
CA LEU A 497 -4.46 56.87 -37.92
C LEU A 497 -3.08 56.74 -37.31
N GLY A 498 -2.06 56.63 -38.16
CA GLY A 498 -0.69 56.48 -37.70
C GLY A 498 -0.45 55.20 -36.92
N ASP A 499 0.13 55.33 -35.73
CA ASP A 499 0.40 54.18 -34.87
C ASP A 499 -0.87 53.66 -34.21
N VAL A 500 -2.02 54.13 -34.67
CA VAL A 500 -3.27 53.78 -34.00
C VAL A 500 -4.41 53.46 -34.95
N ILE A 501 -5.19 52.43 -34.59
CA ILE A 501 -6.31 51.98 -35.38
C ILE A 501 -7.65 52.37 -34.74
N SER A 502 -8.56 52.91 -35.54
CA SER A 502 -9.84 53.38 -35.05
C SER A 502 -11.00 52.59 -35.63
N VAL A 503 -11.61 51.77 -34.76
CA VAL A 503 -12.74 50.92 -35.12
C VAL A 503 -14.07 51.58 -34.83
N SER A 504 -15.03 51.39 -35.73
CA SER A 504 -16.38 51.87 -35.53
C SER A 504 -17.35 50.69 -35.57
N GLN A 505 -18.64 50.98 -35.75
CA GLN A 505 -19.62 49.93 -35.97
C GLN A 505 -20.52 50.29 -37.17
N CYS A 506 -20.90 49.28 -37.97
CA CYS A 506 -21.70 49.51 -39.18
C CYS A 506 -23.17 49.20 -38.96
N VAL A 507 -24.02 49.69 -39.87
CA VAL A 507 -25.43 49.37 -39.82
C VAL A 507 -25.94 48.76 -41.13
N PRO A 508 -26.34 47.47 -41.08
CA PRO A 508 -26.74 46.63 -42.22
C PRO A 508 -27.94 47.14 -43.01
N VAL A 509 -27.82 47.12 -44.34
CA VAL A 509 -28.89 47.55 -45.26
C VAL A 509 -29.85 46.42 -45.63
N ASN A 510 -30.89 46.76 -46.40
CA ASN A 510 -32.00 45.85 -46.72
C ASN A 510 -31.55 44.55 -47.41
N GLN A 511 -31.80 43.41 -46.76
CA GLN A 511 -31.53 42.11 -47.35
C GLN A 511 -32.54 41.77 -48.43
N ALA A 512 -33.78 42.21 -48.24
CA ALA A 512 -34.79 42.17 -49.29
C ALA A 512 -34.27 42.90 -50.54
N THR A 513 -34.28 44.22 -50.50
CA THR A 513 -33.88 45.05 -51.64
C THR A 513 -32.37 45.27 -51.74
N VAL A 514 -31.69 44.35 -52.40
CA VAL A 514 -30.25 44.51 -52.69
C VAL A 514 -29.96 44.03 -54.11
N THR A 515 -29.63 44.98 -54.99
CA THR A 515 -29.59 44.72 -56.43
C THR A 515 -28.29 45.16 -57.10
N LEU A 516 -27.86 44.34 -58.06
CA LEU A 516 -26.59 44.51 -58.75
C LEU A 516 -26.78 45.17 -60.14
N ARG A 517 -25.73 45.83 -60.63
CA ARG A 517 -25.80 46.50 -61.95
C ARG A 517 -24.82 45.94 -62.97
N LYS A 518 -25.24 45.96 -64.23
CA LYS A 518 -24.54 45.29 -65.34
C LYS A 518 -23.24 45.94 -65.83
N SER A 519 -23.24 47.26 -65.98
CA SER A 519 -22.08 47.96 -66.56
C SER A 519 -20.88 48.06 -65.60
N MET A 520 -19.74 48.49 -66.14
CA MET A 520 -18.59 48.84 -65.30
C MET A 520 -17.87 50.10 -65.84
N ARG A 521 -18.45 50.72 -66.87
CA ARG A 521 -17.99 52.01 -67.37
C ARG A 521 -18.87 53.15 -66.85
N MET A 528 -11.39 54.67 -68.97
CA MET A 528 -11.24 54.27 -67.57
C MET A 528 -12.43 53.46 -67.07
N CYS A 529 -12.17 52.59 -66.09
CA CYS A 529 -13.20 51.67 -65.58
C CYS A 529 -13.23 51.45 -64.07
N TYR A 530 -14.38 50.96 -63.60
CA TYR A 530 -14.56 50.59 -62.20
C TYR A 530 -14.05 49.16 -61.92
N SER A 531 -13.09 49.05 -61.00
CA SER A 531 -12.60 47.74 -60.58
C SER A 531 -13.66 47.05 -59.72
N ARG A 532 -14.68 47.81 -59.31
CA ARG A 532 -15.82 47.24 -58.56
C ARG A 532 -17.19 47.72 -59.07
N PRO A 533 -18.07 46.76 -59.41
CA PRO A 533 -19.46 46.92 -59.86
C PRO A 533 -20.32 47.83 -58.97
N LEU A 534 -21.41 48.32 -59.55
CA LEU A 534 -22.34 49.19 -58.85
C LEU A 534 -23.62 48.44 -58.52
N VAL A 535 -24.28 48.89 -57.46
CA VAL A 535 -25.42 48.20 -56.88
C VAL A 535 -26.26 49.22 -56.14
N SER A 536 -27.56 48.99 -56.08
CA SER A 536 -28.45 49.93 -55.40
C SER A 536 -29.32 49.24 -54.36
N PHE A 537 -29.71 49.98 -53.33
CA PHE A 537 -30.35 49.37 -52.17
C PHE A 537 -31.06 50.38 -51.29
N SER A 538 -31.91 49.87 -50.41
CA SER A 538 -32.70 50.72 -49.52
C SER A 538 -32.52 50.31 -48.06
N PHE A 539 -33.34 50.92 -47.19
CA PHE A 539 -33.33 50.65 -45.76
C PHE A 539 -34.76 50.48 -45.24
N THR A 543 -36.25 53.93 -46.33
CA THR A 543 -37.34 53.35 -47.11
C THR A 543 -37.26 53.70 -48.60
N LYS A 544 -36.63 54.83 -48.92
CA LYS A 544 -36.37 55.20 -50.32
C LYS A 544 -35.08 54.53 -50.80
N THR A 545 -34.64 54.83 -52.02
CA THR A 545 -33.47 54.12 -52.58
C THR A 545 -32.18 54.94 -52.64
N TYR A 546 -31.05 54.24 -52.76
CA TYR A 546 -29.72 54.84 -52.92
C TYR A 546 -28.94 54.04 -53.98
N GLU A 547 -27.74 54.50 -54.33
CA GLU A 547 -26.93 53.87 -55.39
C GLU A 547 -25.43 53.75 -54.98
N GLY A 548 -24.85 52.54 -55.03
CA GLY A 548 -23.46 52.37 -54.55
C GLY A 548 -22.55 51.28 -55.11
N GLN A 549 -21.35 51.13 -54.51
CA GLN A 549 -20.32 50.19 -54.98
C GLN A 549 -19.94 49.04 -53.99
N LEU A 550 -19.85 47.82 -54.54
CA LEU A 550 -19.67 46.56 -53.79
C LEU A 550 -18.26 46.30 -53.32
N GLY A 551 -18.10 46.10 -52.03
CA GLY A 551 -16.80 45.75 -51.46
C GLY A 551 -16.66 44.26 -51.25
N THR A 552 -15.42 43.82 -50.99
CA THR A 552 -15.15 42.42 -50.70
C THR A 552 -15.76 42.03 -49.35
N ASP A 553 -16.41 40.87 -49.31
CA ASP A 553 -17.19 40.42 -48.15
C ASP A 553 -18.63 40.92 -48.22
N ASN A 554 -19.03 41.42 -49.38
CA ASN A 554 -20.36 42.02 -49.55
C ASN A 554 -20.52 43.32 -48.77
N GLU A 555 -19.44 44.06 -48.60
CA GLU A 555 -19.55 45.40 -48.04
C GLU A 555 -19.97 46.37 -49.14
N ILE A 556 -20.36 47.58 -48.73
CA ILE A 556 -20.89 48.58 -49.66
C ILE A 556 -20.37 49.99 -49.35
N PHE A 557 -20.13 50.78 -50.40
CA PHE A 557 -19.67 52.15 -50.24
C PHE A 557 -20.60 53.15 -50.92
N ALA A 568 -8.78 45.44 -72.79
CA ALA A 568 -8.49 44.39 -73.76
C ALA A 568 -8.55 43.02 -73.11
N THR A 569 -9.60 42.27 -73.41
CA THR A 569 -9.78 40.92 -72.87
C THR A 569 -9.96 40.96 -71.35
N SER A 570 -11.05 41.54 -70.87
CA SER A 570 -11.21 41.78 -69.42
C SER A 570 -12.12 40.79 -68.66
N GLN A 571 -11.52 39.85 -67.96
CA GLN A 571 -12.26 38.81 -67.24
C GLN A 571 -12.03 38.81 -65.73
N TYR A 572 -13.09 39.12 -64.99
CA TYR A 572 -13.04 39.20 -63.54
C TYR A 572 -14.26 38.53 -62.87
N TYR A 573 -14.18 38.30 -61.56
CA TYR A 573 -15.20 37.55 -60.82
C TYR A 573 -15.50 38.17 -59.43
N PHE A 574 -16.78 38.19 -59.04
CA PHE A 574 -17.18 38.94 -57.85
C PHE A 574 -18.25 38.29 -56.96
N GLN A 575 -18.19 38.62 -55.67
CA GLN A 575 -19.07 38.03 -54.65
C GLN A 575 -20.28 38.90 -54.29
N SER A 576 -21.37 38.22 -53.97
CA SER A 576 -22.62 38.86 -53.61
C SER A 576 -23.35 37.91 -52.64
N GLY A 577 -24.50 38.33 -52.14
CA GLY A 577 -25.24 37.55 -51.14
C GLY A 577 -25.68 36.18 -51.61
N ASN A 578 -24.89 35.17 -51.28
CA ASN A 578 -25.25 33.78 -51.57
C ASN A 578 -25.00 33.36 -53.01
N GLU A 579 -24.09 34.06 -53.70
CA GLU A 579 -23.71 33.70 -55.07
C GLU A 579 -22.66 34.63 -55.70
N ILE A 580 -22.05 34.15 -56.80
CA ILE A 580 -20.96 34.86 -57.48
C ILE A 580 -21.46 35.43 -58.83
N HIS A 581 -20.73 36.39 -59.40
CA HIS A 581 -21.10 36.99 -60.72
C HIS A 581 -19.98 37.03 -61.77
N VAL A 582 -20.28 36.50 -62.96
CA VAL A 582 -19.31 36.46 -64.07
C VAL A 582 -19.41 37.73 -64.90
N TYR A 583 -18.32 38.49 -64.97
CA TYR A 583 -18.31 39.75 -65.72
C TYR A 583 -17.29 39.73 -66.87
N ASN A 584 -17.80 39.63 -68.09
CA ASN A 584 -16.98 39.78 -69.29
C ASN A 584 -16.91 41.26 -69.72
N ASP A 585 -15.69 41.73 -69.97
CA ASP A 585 -15.47 43.11 -70.40
C ASP A 585 -16.35 44.14 -69.69
N TYR A 586 -16.22 44.22 -68.38
CA TYR A 586 -16.95 45.22 -67.58
C TYR A 586 -18.47 45.12 -67.75
N HIS A 587 -18.93 44.02 -68.36
CA HIS A 587 -20.37 43.76 -68.53
C HIS A 587 -20.80 42.37 -68.00
N HIS A 588 -21.81 42.36 -67.13
CA HIS A 588 -22.37 41.13 -66.55
C HIS A 588 -22.57 40.02 -67.58
N PHE A 589 -22.40 38.77 -67.15
CA PHE A 589 -22.53 37.61 -68.03
C PHE A 589 -23.50 36.58 -67.45
N LYS A 590 -23.14 36.01 -66.30
CA LYS A 590 -24.02 35.04 -65.63
C LYS A 590 -23.81 35.10 -64.13
N THR A 591 -24.57 34.27 -63.42
CA THR A 591 -24.57 34.29 -61.95
C THR A 591 -24.54 32.88 -61.36
N ILE A 592 -23.37 32.45 -60.87
CA ILE A 592 -23.23 31.15 -60.23
C ILE A 592 -23.36 31.25 -58.71
N GLU A 593 -23.89 30.20 -58.09
CA GLU A 593 -24.16 30.14 -56.63
C GLU A 593 -22.89 29.96 -55.78
N LEU A 594 -23.01 30.26 -54.49
CA LEU A 594 -21.91 30.08 -53.52
C LEU A 594 -21.33 28.66 -53.50
N ASP A 595 -22.11 27.68 -53.95
CA ASP A 595 -21.67 26.28 -53.87
C ASP A 595 -21.33 25.67 -55.22
N GLY A 596 -21.30 26.49 -56.26
CA GLY A 596 -20.96 26.02 -57.60
C GLY A 596 -19.45 26.00 -57.80
N ILE A 597 -18.80 27.09 -57.38
CA ILE A 597 -17.36 27.21 -57.50
C ILE A 597 -16.65 26.53 -56.34
N ALA A 598 -15.70 25.64 -56.66
CA ALA A 598 -14.98 24.86 -55.65
C ALA A 598 -14.28 25.73 -54.61
N THR A 599 -14.31 25.29 -53.35
CA THR A 599 -13.76 26.04 -52.22
C THR A 599 -12.52 25.37 -51.63
N LEU A 600 -11.45 26.14 -51.44
CA LEU A 600 -10.19 25.58 -50.99
C LEU A 600 -9.99 25.65 -49.46
N GLN A 601 -9.68 24.49 -48.89
CA GLN A 601 -9.46 24.38 -47.47
C GLN A 601 -7.96 24.50 -47.19
N THR A 602 -7.63 25.21 -46.11
CA THR A 602 -6.25 25.53 -45.79
C THR A 602 -5.97 25.06 -44.37
N PHE A 603 -6.98 24.44 -43.79
CA PHE A 603 -7.02 24.17 -42.36
C PHE A 603 -6.19 22.95 -42.03
N ILE A 604 -5.09 23.18 -41.32
CA ILE A 604 -4.29 22.08 -40.85
C ILE A 604 -5.15 21.28 -39.90
N SER A 605 -5.40 20.04 -40.26
CA SER A 605 -6.15 19.12 -39.45
C SER A 605 -5.32 18.73 -38.22
N LEU A 606 -5.92 18.82 -37.05
CA LEU A 606 -5.28 18.33 -35.82
C LEU A 606 -5.99 17.06 -35.44
N ASN A 607 -5.64 15.97 -36.11
CA ASN A 607 -6.42 14.76 -35.96
C ASN A 607 -6.10 14.02 -34.66
N THR A 608 -6.30 14.72 -33.56
CA THR A 608 -6.04 14.19 -32.23
C THR A 608 -7.24 13.36 -31.77
N SER A 609 -7.02 12.09 -31.47
CA SER A 609 -8.12 11.23 -31.00
C SER A 609 -8.03 11.02 -29.49
N LEU A 610 -9.18 10.86 -28.88
CA LEU A 610 -9.27 10.92 -27.44
C LEU A 610 -9.17 9.53 -26.81
N ILE A 611 -9.08 9.49 -25.49
CA ILE A 611 -8.72 8.29 -24.76
C ILE A 611 -9.90 7.33 -24.62
N GLU A 612 -9.63 6.04 -24.82
CA GLU A 612 -10.68 5.02 -24.78
C GLU A 612 -11.17 4.76 -23.39
N ASN A 613 -12.32 4.12 -23.30
CA ASN A 613 -12.72 3.48 -22.06
C ASN A 613 -12.16 2.10 -22.07
N ILE A 614 -11.75 1.61 -20.91
CA ILE A 614 -11.30 0.25 -20.82
C ILE A 614 -11.82 -0.34 -19.54
N ASP A 615 -12.68 -1.35 -19.67
CA ASP A 615 -13.22 -2.03 -18.52
C ASP A 615 -12.15 -2.96 -17.96
N PHE A 616 -11.64 -2.64 -16.78
CA PHE A 616 -10.56 -3.44 -16.22
C PHE A 616 -11.06 -4.75 -15.67
N ALA A 617 -10.41 -5.82 -16.08
CA ALA A 617 -10.83 -7.17 -15.71
C ALA A 617 -10.55 -7.50 -14.24
N SER A 618 -11.44 -8.29 -13.63
CA SER A 618 -11.25 -8.72 -12.23
C SER A 618 -10.60 -10.11 -12.18
N LEU A 619 -9.38 -10.15 -11.64
CA LEU A 619 -8.54 -11.34 -11.64
C LEU A 619 -7.99 -11.58 -10.26
N GLU A 620 -7.74 -12.85 -9.93
CA GLU A 620 -6.96 -13.13 -8.73
C GLU A 620 -5.93 -14.21 -9.00
N LEU A 621 -4.82 -14.17 -8.26
CA LEU A 621 -3.80 -15.20 -8.39
C LEU A 621 -4.29 -16.46 -7.73
N TYR A 622 -4.78 -16.33 -6.51
CA TYR A 622 -5.25 -17.47 -5.76
C TYR A 622 -6.59 -17.21 -5.11
N SER A 623 -7.57 -18.04 -5.44
CA SER A 623 -8.88 -17.90 -4.85
C SER A 623 -8.83 -18.29 -3.38
N ARG A 624 -9.99 -18.27 -2.70
CA ARG A 624 -10.08 -18.75 -1.32
C ARG A 624 -10.02 -20.26 -1.24
N ASP A 625 -10.74 -20.95 -2.12
CA ASP A 625 -10.75 -22.39 -2.03
C ASP A 625 -9.32 -22.81 -2.21
N GLU A 626 -8.68 -22.30 -3.24
CA GLU A 626 -7.28 -22.59 -3.44
C GLU A 626 -6.46 -22.38 -2.15
N GLN A 627 -6.74 -21.34 -1.38
CA GLN A 627 -6.03 -21.12 -0.11
C GLN A 627 -6.42 -22.13 0.94
N ARG A 628 -7.70 -22.48 0.97
CA ARG A 628 -8.20 -23.41 1.97
C ARG A 628 -7.61 -24.75 1.67
N ALA A 629 -7.90 -25.26 0.47
CA ALA A 629 -7.30 -26.50 0.01
C ALA A 629 -5.75 -26.53 0.13
N SER A 630 -5.14 -25.47 0.63
CA SER A 630 -3.70 -25.47 0.59
C SER A 630 -3.08 -26.06 1.83
N ASN A 631 -3.88 -26.34 2.86
CA ASN A 631 -3.36 -27.00 4.07
C ASN A 631 -3.35 -28.52 3.90
N VAL A 632 -2.41 -29.23 4.54
CA VAL A 632 -2.46 -30.68 4.61
C VAL A 632 -3.37 -31.18 5.73
N PHE A 633 -3.49 -30.41 6.80
CA PHE A 633 -4.33 -30.81 7.91
C PHE A 633 -5.79 -30.43 7.65
N ASP A 634 -6.61 -31.42 7.38
CA ASP A 634 -8.04 -31.18 7.29
C ASP A 634 -8.67 -30.93 8.66
N LEU A 635 -8.45 -29.76 9.25
CA LEU A 635 -9.07 -29.52 10.55
C LEU A 635 -10.46 -30.15 10.65
N GLU A 636 -11.32 -29.85 9.69
CA GLU A 636 -12.68 -30.34 9.69
C GLU A 636 -12.76 -31.85 9.54
N GLY A 637 -12.03 -32.40 8.59
CA GLY A 637 -11.99 -33.85 8.44
C GLY A 637 -11.55 -34.56 9.70
N ILE A 638 -10.38 -34.19 10.20
CA ILE A 638 -9.83 -34.86 11.36
C ILE A 638 -10.80 -34.78 12.56
N PHE A 639 -11.47 -33.66 12.77
CA PHE A 639 -12.38 -33.57 13.89
C PHE A 639 -13.75 -34.24 13.71
N ARG A 640 -14.30 -34.11 12.52
CA ARG A 640 -15.67 -34.52 12.28
C ARG A 640 -15.71 -36.02 12.35
N GLU A 641 -14.64 -36.68 11.92
CA GLU A 641 -14.61 -38.16 11.93
C GLU A 641 -14.23 -38.68 13.34
N TYR A 642 -13.21 -38.04 13.90
CA TYR A 642 -12.98 -38.20 15.32
C TYR A 642 -14.25 -38.21 16.17
N ASN A 643 -15.14 -37.22 15.98
CA ASN A 643 -16.30 -37.08 16.80
C ASN A 643 -17.38 -38.03 16.43
N PHE A 644 -17.40 -38.45 15.18
CA PHE A 644 -18.43 -39.36 14.72
C PHE A 644 -18.16 -40.71 15.37
N GLN A 645 -16.92 -41.19 15.22
CA GLN A 645 -16.48 -42.48 15.74
C GLN A 645 -16.76 -42.52 17.22
N ALA A 646 -16.33 -41.49 17.94
CA ALA A 646 -16.59 -41.32 19.34
C ALA A 646 -18.00 -41.56 19.71
N GLN A 647 -18.93 -41.05 18.94
CA GLN A 647 -20.32 -41.16 19.32
C GLN A 647 -20.79 -42.55 19.03
N ASN A 648 -20.22 -43.20 18.04
CA ASN A 648 -20.52 -44.60 17.81
C ASN A 648 -20.23 -45.56 18.95
N ILE A 649 -19.07 -45.45 19.58
CA ILE A 649 -18.75 -46.31 20.68
C ILE A 649 -19.64 -45.99 21.87
N ALA A 650 -20.13 -44.79 21.91
CA ALA A 650 -20.88 -44.39 23.04
C ALA A 650 -22.24 -44.99 22.96
N GLY A 651 -22.64 -45.36 21.75
CA GLY A 651 -23.96 -45.94 21.57
C GLY A 651 -24.02 -47.37 22.05
N LEU A 652 -22.87 -48.06 22.00
CA LEU A 652 -22.66 -49.43 22.55
C LEU A 652 -22.96 -49.57 24.05
N ARG A 653 -22.91 -48.48 24.80
CA ARG A 653 -23.12 -48.54 26.24
C ARG A 653 -24.57 -48.96 26.56
N LYS A 654 -25.43 -49.03 25.56
CA LYS A 654 -26.83 -49.31 25.84
C LYS A 654 -27.54 -49.87 24.63
N ASP A 655 -28.82 -50.23 24.80
CA ASP A 655 -29.65 -50.65 23.67
C ASP A 655 -30.40 -49.45 23.16
N LEU A 656 -30.97 -49.57 21.98
CA LEU A 656 -31.80 -48.51 21.44
C LEU A 656 -33.10 -49.10 21.00
N ASP A 657 -34.04 -49.29 21.94
CA ASP A 657 -35.32 -49.97 21.64
C ASP A 657 -35.57 -50.23 20.14
C1 NAG B . 12.98 -40.02 47.39
C2 NAG B . 11.86 -39.29 48.13
C3 NAG B . 12.06 -37.76 48.10
C4 NAG B . 13.41 -37.34 48.71
C5 NAG B . 14.54 -38.25 48.15
C6 NAG B . 15.87 -38.18 48.96
C7 NAG B . 9.70 -40.38 47.73
C8 NAG B . 8.71 -40.61 46.63
N2 NAG B . 10.66 -39.55 47.40
O3 NAG B . 10.95 -37.11 48.69
O4 NAG B . 13.66 -35.90 48.63
O5 NAG B . 14.19 -39.63 48.03
O6 NAG B . 15.73 -38.39 50.37
O7 NAG B . 9.57 -40.92 48.82
C1 NAG C . 15.23 -5.68 32.00
C2 NAG C . 16.48 -5.51 31.12
C3 NAG C . 17.64 -6.18 31.82
C4 NAG C . 17.86 -5.41 33.14
C5 NAG C . 16.57 -5.45 33.99
C6 NAG C . 16.83 -4.73 35.32
C7 NAG C . 16.70 -5.24 28.69
C8 NAG C . 17.35 -5.96 27.48
N2 NAG C . 16.34 -5.99 29.74
O3 NAG C . 18.78 -6.18 30.97
O4 NAG C . 18.96 -5.89 33.90
O5 NAG C . 15.41 -4.99 33.25
O6 NAG C . 16.32 -3.39 35.34
O7 NAG C . 16.51 -4.00 28.68
C1 NAG D . -9.31 12.50 -36.02
C2 NAG D . -9.26 11.11 -35.32
C3 NAG D . -10.62 10.67 -34.78
C4 NAG D . -11.27 11.75 -33.90
C5 NAG D . -11.17 13.16 -34.55
C6 NAG D . -11.58 14.25 -33.54
C7 NAG D . -7.52 9.47 -35.96
C8 NAG D . -7.13 8.34 -36.90
N2 NAG D . -8.69 10.08 -36.20
O3 NAG D . -10.48 9.45 -34.05
O4 NAG D . -12.62 11.43 -33.60
O5 NAG D . -9.87 13.44 -35.09
O6 NAG D . -10.62 15.30 -33.47
O7 NAG D . -6.75 9.79 -35.05
#